data_1D6V
#
_entry.id   1D6V
#
_cell.length_a   52.718
_cell.length_b   64.446
_cell.length_c   73.870
_cell.angle_alpha   90.00
_cell.angle_beta   99.09
_cell.angle_gamma   90.00
#
_symmetry.space_group_name_H-M   'P 1 21 1'
#
loop_
_entity.id
_entity.type
_entity.pdbx_description
1 polymer 'CHIMERIC GERMLINE PRECURSOR OF OXY-COPE CATALYTIC ANTIBODY AZ-28 (LIGHT CHAIN)'
2 polymer 'CHIMERIC GERMLINE PRECURSOR OF OXY-COPE CATALYTIC ANTIBODY AZ-28 (HEAVY CHAIN)'
3 non-polymer 'CADMIUM ION'
4 non-polymer (1S,2S,5S)2-(4-GLUTARIDYLBENZYL)-5-PHENYL-1-CYCLOHEXANOL
5 water water
#
loop_
_entity_poly.entity_id
_entity_poly.type
_entity_poly.pdbx_seq_one_letter_code
_entity_poly.pdbx_strand_id
1 'polypeptide(L)'
;DIKMTQSPSSMYASLGERVTITCKASQDINSYLSWFQQKPGKSPKTLIYRANRLVDGVPSRFSGSGSGQDYSLTISSLEY
EDMGIYYCLQYDEFPYTFGSGTKLEIKRTVAAPSVFIFPPSDEQLKSGTASVVCLLNNFYPREAKVQWKVDNALQSGNSQ
ESVTEQDSKDSTYSLSSTLTLSKADYEKHKVYACEVTHQGLSSPVTKSFNR
;
L
2 'polypeptide(L)'
;QVQLQQSGAELMKPGASVKISCKATGYTFSSYWIEWVKQRPGHGLEWIGEILPGSGSTNYNEKFKGKATFTADTSSNTAY
MQLSSLTSEDSAVYYCARGHSYYFYDGDYWGQGTSVTVSSASTKGPSVFPLAPSSKSTSGGTAALGCLVKDYFPEPVTVS
WNSGALTSGVHTFPAVLQSSGLYSLSSVVTVPSSSLGTQTYICNVNHKPSNTKVDKKVEPK
;
H
#
loop_
_chem_comp.id
_chem_comp.type
_chem_comp.name
_chem_comp.formula
CD non-polymer 'CADMIUM ION' 'Cd 2'
HOP non-polymer (1S,2S,5S)2-(4-GLUTARIDYLBENZYL)-5-PHENYL-1-CYCLOHEXANOL 'C23 H27 N O4'
#
# COMPACT_ATOMS: atom_id res chain seq x y z
N ASP A 1 -1.86 -24.66 8.62
CA ASP A 1 -2.59 -25.93 8.46
C ASP A 1 -3.78 -25.86 7.55
N ILE A 2 -4.86 -25.21 7.94
CA ILE A 2 -5.97 -25.22 6.96
C ILE A 2 -5.72 -24.17 5.86
N LYS A 3 -5.66 -24.63 4.63
CA LYS A 3 -5.46 -23.68 3.54
C LYS A 3 -6.82 -23.09 3.05
N MET A 4 -6.87 -21.75 3.02
CA MET A 4 -8.02 -20.99 2.53
C MET A 4 -7.69 -20.47 1.15
N THR A 5 -8.37 -20.95 0.13
CA THR A 5 -8.15 -20.52 -1.26
C THR A 5 -9.30 -19.56 -1.59
N GLN A 6 -8.96 -18.28 -1.69
CA GLN A 6 -9.96 -17.23 -1.92
C GLN A 6 -9.94 -16.85 -3.41
N SER A 7 -11.11 -16.64 -4.03
CA SER A 7 -11.12 -16.22 -5.47
C SER A 7 -12.18 -15.17 -5.70
N PRO A 8 -11.95 -14.25 -6.66
CA PRO A 8 -10.78 -14.12 -7.52
C PRO A 8 -9.78 -13.30 -6.72
N SER A 9 -8.54 -13.18 -7.17
CA SER A 9 -7.58 -12.41 -6.41
C SER A 9 -7.85 -10.93 -6.59
N SER A 10 -8.45 -10.55 -7.72
CA SER A 10 -8.84 -9.15 -7.92
C SER A 10 -9.99 -9.15 -8.93
N MET A 11 -10.79 -8.11 -8.87
CA MET A 11 -11.87 -7.98 -9.81
C MET A 11 -12.16 -6.47 -9.98
N TYR A 12 -12.64 -6.09 -11.17
CA TYR A 12 -13.07 -4.78 -11.54
C TYR A 12 -14.62 -4.91 -11.62
N ALA A 13 -15.40 -4.09 -10.90
CA ALA A 13 -16.84 -4.20 -11.06
C ALA A 13 -17.38 -2.79 -11.14
N SER A 14 -18.64 -2.72 -11.56
CA SER A 14 -19.31 -1.47 -11.75
C SER A 14 -20.31 -1.27 -10.65
N LEU A 15 -20.71 0.00 -10.36
CA LEU A 15 -21.71 0.21 -9.35
C LEU A 15 -23.02 -0.53 -9.75
N GLY A 16 -23.67 -1.16 -8.77
CA GLY A 16 -24.90 -1.89 -9.03
C GLY A 16 -24.73 -3.38 -9.31
N GLU A 17 -23.51 -3.82 -9.60
CA GLU A 17 -23.35 -5.25 -9.87
C GLU A 17 -23.36 -6.03 -8.58
N ARG A 18 -23.67 -7.32 -8.69
CA ARG A 18 -23.64 -8.24 -7.62
C ARG A 18 -22.23 -8.77 -7.68
N VAL A 19 -21.56 -8.75 -6.56
CA VAL A 19 -20.21 -9.20 -6.55
C VAL A 19 -20.19 -10.45 -5.65
N THR A 20 -19.56 -11.51 -6.09
CA THR A 20 -19.52 -12.70 -5.20
C THR A 20 -18.04 -13.06 -5.02
N ILE A 21 -17.62 -13.29 -3.79
CA ILE A 21 -16.19 -13.65 -3.55
C ILE A 21 -16.21 -15.06 -2.91
N THR A 22 -15.35 -15.95 -3.36
CA THR A 22 -15.37 -17.34 -2.93
C THR A 22 -14.19 -17.77 -2.06
N CYS A 23 -14.47 -18.48 -0.98
CA CYS A 23 -13.36 -18.97 -0.12
C CYS A 23 -13.54 -20.49 -0.03
N LYS A 24 -12.49 -21.28 -0.26
CA LYS A 24 -12.60 -22.75 -0.12
C LYS A 24 -11.54 -23.22 0.86
N ALA A 25 -11.97 -23.91 1.90
CA ALA A 25 -11.11 -24.40 2.96
C ALA A 25 -10.64 -25.82 2.60
N SER A 26 -9.40 -26.15 2.92
CA SER A 26 -8.91 -27.53 2.60
C SER A 26 -9.60 -28.64 3.43
N GLN A 27 -10.30 -28.28 4.50
CA GLN A 27 -11.08 -29.21 5.22
C GLN A 27 -12.37 -28.56 5.73
N ASP A 28 -13.33 -29.40 6.12
CA ASP A 28 -14.59 -28.89 6.60
C ASP A 28 -14.39 -28.08 7.88
N ILE A 29 -14.82 -26.83 7.82
CA ILE A 29 -14.66 -25.92 8.96
C ILE A 29 -15.90 -25.56 9.76
N ASN A 30 -16.98 -26.27 9.50
CA ASN A 30 -18.22 -26.13 10.31
C ASN A 30 -18.70 -24.69 10.46
N SER A 31 -18.60 -23.90 9.40
CA SER A 31 -19.07 -22.50 9.44
C SER A 31 -18.33 -21.53 10.36
N TYR A 32 -17.10 -21.88 10.73
CA TYR A 32 -16.39 -20.97 11.61
C TYR A 32 -15.54 -20.16 10.65
N LEU A 33 -16.21 -19.26 9.97
CA LEU A 33 -15.53 -18.44 8.97
C LEU A 33 -16.02 -17.01 9.16
N SER A 34 -15.10 -16.04 9.05
CA SER A 34 -15.46 -14.61 9.07
C SER A 34 -14.95 -14.01 7.77
N TRP A 35 -15.52 -12.84 7.44
CA TRP A 35 -15.20 -12.05 6.29
C TRP A 35 -14.87 -10.62 6.80
N PHE A 36 -13.77 -10.08 6.29
CA PHE A 36 -13.27 -8.76 6.69
C PHE A 36 -13.13 -7.91 5.46
N GLN A 37 -13.22 -6.60 5.68
CA GLN A 37 -13.11 -5.68 4.59
C GLN A 37 -11.99 -4.72 5.02
N GLN A 38 -11.07 -4.37 4.12
CA GLN A 38 -10.00 -3.40 4.53
C GLN A 38 -9.85 -2.37 3.45
N LYS A 39 -9.99 -1.09 3.81
CA LYS A 39 -9.87 -0.04 2.82
C LYS A 39 -8.56 0.62 3.02
N PRO A 40 -8.05 1.30 1.98
CA PRO A 40 -6.74 1.97 2.12
C PRO A 40 -6.56 2.79 3.39
N GLY A 41 -5.42 2.54 4.05
CA GLY A 41 -5.07 3.23 5.27
C GLY A 41 -5.91 3.05 6.52
N LYS A 42 -6.86 2.11 6.50
CA LYS A 42 -7.66 1.88 7.67
C LYS A 42 -7.47 0.44 8.17
N SER A 43 -7.83 0.17 9.42
CA SER A 43 -7.75 -1.16 9.95
C SER A 43 -8.85 -2.00 9.29
N PRO A 44 -8.72 -3.35 9.35
CA PRO A 44 -9.73 -4.21 8.75
C PRO A 44 -10.97 -4.04 9.61
N LYS A 45 -12.10 -4.49 9.06
CA LYS A 45 -13.35 -4.39 9.74
C LYS A 45 -14.09 -5.73 9.46
N THR A 46 -14.58 -6.35 10.50
CA THR A 46 -15.40 -7.60 10.41
C THR A 46 -16.78 -7.34 9.85
N LEU A 47 -17.14 -8.08 8.81
CA LEU A 47 -18.43 -7.90 8.18
C LEU A 47 -19.42 -9.02 8.54
N ILE A 48 -18.88 -10.22 8.55
CA ILE A 48 -19.69 -11.43 8.82
C ILE A 48 -18.91 -12.41 9.75
N TYR A 49 -19.62 -13.10 10.63
CA TYR A 49 -18.96 -14.11 11.45
C TYR A 49 -19.84 -15.38 11.41
N ARG A 50 -19.18 -16.50 11.74
CA ARG A 50 -19.84 -17.76 11.67
C ARG A 50 -20.53 -17.97 10.31
N ALA A 51 -19.83 -17.57 9.23
CA ALA A 51 -20.26 -17.73 7.84
C ALA A 51 -21.44 -16.90 7.33
N ASN A 52 -22.42 -16.62 8.18
CA ASN A 52 -23.56 -15.89 7.67
C ASN A 52 -24.22 -14.94 8.65
N ARG A 53 -23.57 -14.68 9.76
CA ARG A 53 -24.13 -13.71 10.68
C ARG A 53 -23.51 -12.28 10.41
N LEU A 54 -24.38 -11.33 10.08
CA LEU A 54 -24.03 -9.96 9.80
C LEU A 54 -23.65 -9.23 11.09
N VAL A 55 -22.44 -8.65 11.11
CA VAL A 55 -22.02 -7.93 12.28
C VAL A 55 -22.98 -6.70 12.44
N ASP A 56 -23.42 -6.43 13.65
CA ASP A 56 -24.31 -5.31 13.84
C ASP A 56 -23.75 -4.02 13.27
N GLY A 57 -24.59 -3.31 12.50
CA GLY A 57 -24.11 -2.07 11.92
C GLY A 57 -23.59 -2.16 10.50
N VAL A 58 -23.34 -3.37 10.00
CA VAL A 58 -22.89 -3.49 8.61
C VAL A 58 -24.19 -3.53 7.77
N PRO A 59 -24.21 -2.80 6.65
CA PRO A 59 -25.34 -2.68 5.72
C PRO A 59 -25.75 -4.06 5.26
N SER A 60 -27.04 -4.26 5.08
CA SER A 60 -27.52 -5.54 4.69
C SER A 60 -27.21 -5.89 3.25
N ARG A 61 -26.58 -5.00 2.47
CA ARG A 61 -26.23 -5.45 1.09
C ARG A 61 -25.12 -6.56 1.13
N PHE A 62 -24.47 -6.70 2.30
CA PHE A 62 -23.46 -7.76 2.44
C PHE A 62 -24.08 -9.05 3.02
N SER A 63 -23.83 -10.21 2.44
CA SER A 63 -24.31 -11.41 3.11
C SER A 63 -23.27 -12.53 2.90
N GLY A 64 -23.25 -13.53 3.79
CA GLY A 64 -22.32 -14.63 3.57
C GLY A 64 -23.09 -15.92 3.52
N SER A 65 -22.56 -16.95 2.84
CA SER A 65 -23.31 -18.21 2.80
C SER A 65 -22.28 -19.35 2.65
N GLY A 66 -22.77 -20.58 2.63
CA GLY A 66 -21.94 -21.76 2.49
C GLY A 66 -21.86 -22.60 3.80
N SER A 67 -21.19 -23.76 3.69
CA SER A 67 -20.99 -24.67 4.80
C SER A 67 -19.97 -25.66 4.25
N GLY A 68 -19.52 -26.59 5.11
CA GLY A 68 -18.53 -27.56 4.67
C GLY A 68 -17.20 -26.82 4.41
N GLN A 69 -16.74 -26.85 3.17
CA GLN A 69 -15.50 -26.25 2.79
C GLN A 69 -15.75 -25.07 1.86
N ASP A 70 -17.01 -24.83 1.45
CA ASP A 70 -17.29 -23.82 0.47
C ASP A 70 -18.13 -22.68 0.95
N TYR A 71 -17.53 -21.49 0.87
CA TYR A 71 -18.16 -20.29 1.34
C TYR A 71 -18.12 -19.11 0.36
N SER A 72 -18.98 -18.11 0.62
CA SER A 72 -18.87 -16.94 -0.25
C SER A 72 -19.46 -15.75 0.48
N LEU A 73 -19.02 -14.59 0.00
CA LEU A 73 -19.43 -13.27 0.48
C LEU A 73 -20.08 -12.61 -0.79
N THR A 74 -21.22 -12.00 -0.59
CA THR A 74 -21.86 -11.39 -1.71
C THR A 74 -22.20 -9.98 -1.35
N ILE A 75 -21.97 -9.08 -2.29
CA ILE A 75 -22.38 -7.74 -2.06
C ILE A 75 -23.54 -7.65 -3.09
N SER A 76 -24.81 -7.52 -2.66
CA SER A 76 -25.90 -7.53 -3.64
C SER A 76 -25.91 -6.43 -4.74
N SER A 77 -25.46 -5.20 -4.45
CA SER A 77 -25.49 -4.13 -5.44
C SER A 77 -24.30 -3.29 -5.00
N LEU A 78 -23.23 -3.36 -5.75
CA LEU A 78 -21.97 -2.71 -5.35
C LEU A 78 -22.09 -1.22 -5.21
N GLU A 79 -21.53 -0.64 -4.15
CA GLU A 79 -21.51 0.80 -3.99
C GLU A 79 -20.06 1.28 -4.00
N TYR A 80 -19.86 2.55 -4.35
CA TYR A 80 -18.47 2.98 -4.49
C TYR A 80 -17.66 2.74 -3.23
N GLU A 81 -18.25 2.97 -2.07
CA GLU A 81 -17.57 2.79 -0.85
C GLU A 81 -17.15 1.37 -0.55
N ASP A 82 -17.56 0.40 -1.38
CA ASP A 82 -17.13 -1.01 -1.11
C ASP A 82 -15.76 -1.36 -1.73
N MET A 83 -15.15 -0.45 -2.47
CA MET A 83 -13.85 -0.71 -3.07
C MET A 83 -12.87 -0.95 -1.90
N GLY A 84 -11.94 -1.89 -2.12
CA GLY A 84 -10.95 -2.19 -1.11
C GLY A 84 -10.62 -3.66 -1.12
N ILE A 85 -10.08 -4.20 -0.04
CA ILE A 85 -9.67 -5.60 -0.07
C ILE A 85 -10.52 -6.45 0.89
N TYR A 86 -10.87 -7.67 0.49
CA TYR A 86 -11.66 -8.52 1.35
C TYR A 86 -10.92 -9.78 1.71
N TYR A 87 -11.06 -10.25 2.96
CA TYR A 87 -10.38 -11.47 3.35
C TYR A 87 -11.28 -12.41 4.05
N CYS A 88 -11.05 -13.71 3.88
CA CYS A 88 -11.80 -14.67 4.75
C CYS A 88 -10.80 -15.20 5.78
N LEU A 89 -11.34 -15.70 6.89
CA LEU A 89 -10.55 -16.23 7.96
C LEU A 89 -11.31 -17.42 8.55
N GLN A 90 -10.67 -18.60 8.58
CA GLN A 90 -11.31 -19.77 9.30
C GLN A 90 -10.77 -19.80 10.70
N TYR A 91 -11.65 -20.06 11.65
CA TYR A 91 -11.30 -20.15 13.05
C TYR A 91 -11.87 -21.40 13.64
N ASP A 92 -11.89 -22.42 12.83
CA ASP A 92 -12.33 -23.80 13.26
C ASP A 92 -11.13 -24.61 13.92
N GLU A 93 -9.92 -24.49 13.35
CA GLU A 93 -8.69 -25.21 13.79
C GLU A 93 -7.50 -24.21 13.89
N PHE A 94 -6.62 -24.41 14.85
CA PHE A 94 -5.37 -23.65 15.06
C PHE A 94 -4.34 -24.19 14.02
N PRO A 95 -3.57 -23.30 13.39
CA PRO A 95 -3.52 -21.83 13.50
C PRO A 95 -4.69 -21.27 12.65
N TYR A 96 -5.39 -20.28 13.14
CA TYR A 96 -6.45 -19.69 12.31
C TYR A 96 -5.71 -19.13 11.04
N THR A 97 -6.33 -19.18 9.90
CA THR A 97 -5.66 -18.77 8.68
C THR A 97 -6.55 -17.90 7.79
N PHE A 98 -5.97 -16.85 7.21
CA PHE A 98 -6.67 -15.96 6.32
C PHE A 98 -6.49 -16.43 4.84
N GLY A 99 -7.47 -16.10 4.00
CA GLY A 99 -7.38 -16.31 2.56
C GLY A 99 -6.40 -15.23 2.06
N SER A 100 -5.95 -15.28 0.83
CA SER A 100 -4.97 -14.29 0.41
C SER A 100 -5.56 -12.96 -0.04
N GLY A 101 -6.89 -12.81 0.01
CA GLY A 101 -7.51 -11.56 -0.36
C GLY A 101 -8.05 -11.38 -1.79
N THR A 102 -9.07 -10.54 -1.91
CA THR A 102 -9.68 -10.19 -3.19
C THR A 102 -9.71 -8.65 -3.19
N LYS A 103 -9.11 -8.10 -4.21
CA LYS A 103 -9.00 -6.66 -4.40
C LYS A 103 -10.17 -6.30 -5.31
N LEU A 104 -11.05 -5.49 -4.82
CA LEU A 104 -12.21 -5.06 -5.57
C LEU A 104 -12.05 -3.61 -6.01
N GLU A 105 -12.06 -3.40 -7.30
CA GLU A 105 -11.88 -2.04 -7.81
C GLU A 105 -13.02 -1.63 -8.77
N ILE A 106 -13.04 -0.36 -9.15
CA ILE A 106 -14.13 0.06 -10.02
C ILE A 106 -13.75 -0.09 -11.49
N LYS A 107 -14.69 -0.67 -12.25
CA LYS A 107 -14.57 -0.90 -13.70
C LYS A 107 -14.88 0.37 -14.50
N ARG A 108 -14.20 0.53 -15.63
CA ARG A 108 -14.41 1.66 -16.54
C ARG A 108 -13.89 1.18 -17.86
N THR A 109 -13.86 2.06 -18.86
CA THR A 109 -13.37 1.72 -20.20
C THR A 109 -11.87 1.79 -20.34
N VAL A 110 -11.29 0.94 -21.20
CA VAL A 110 -9.83 0.94 -21.41
C VAL A 110 -9.24 2.31 -21.83
N ALA A 111 -8.11 2.70 -21.24
CA ALA A 111 -7.50 3.95 -21.61
C ALA A 111 -5.99 3.77 -21.66
N ALA A 112 -5.41 3.98 -22.85
CA ALA A 112 -3.99 3.83 -22.97
C ALA A 112 -3.25 4.92 -22.16
N PRO A 113 -2.04 4.61 -21.69
CA PRO A 113 -1.37 5.70 -20.95
C PRO A 113 -0.74 6.72 -21.92
N SER A 114 -0.49 7.93 -21.46
CA SER A 114 0.25 8.87 -22.27
C SER A 114 1.56 8.65 -21.57
N VAL A 115 2.63 8.58 -22.31
CA VAL A 115 3.95 8.29 -21.77
C VAL A 115 4.89 9.44 -21.90
N PHE A 116 5.68 9.71 -20.85
CA PHE A 116 6.67 10.79 -20.84
C PHE A 116 8.00 10.26 -20.28
N ILE A 117 9.11 10.75 -20.78
CA ILE A 117 10.36 10.30 -20.22
C ILE A 117 11.11 11.56 -19.76
N PHE A 118 11.80 11.44 -18.64
CA PHE A 118 12.56 12.52 -18.11
C PHE A 118 14.03 12.14 -17.85
N PRO A 119 14.95 12.91 -18.47
CA PRO A 119 16.40 12.68 -18.31
C PRO A 119 16.77 13.17 -16.92
N PRO A 120 17.88 12.73 -16.38
CA PRO A 120 18.30 13.18 -15.05
C PRO A 120 18.63 14.62 -15.21
N SER A 121 18.46 15.39 -14.14
CA SER A 121 18.73 16.82 -14.15
C SER A 121 20.22 17.04 -13.95
N ASP A 122 20.69 18.21 -14.37
CA ASP A 122 22.13 18.50 -14.19
C ASP A 122 22.40 18.57 -12.70
N GLU A 123 21.41 19.06 -11.96
CA GLU A 123 21.50 19.14 -10.50
C GLU A 123 21.89 17.77 -9.88
N GLN A 124 21.21 16.71 -10.31
CA GLN A 124 21.49 15.39 -9.74
C GLN A 124 22.82 14.81 -10.23
N LEU A 125 23.19 15.13 -11.45
CA LEU A 125 24.41 14.56 -12.02
C LEU A 125 25.68 14.99 -11.27
N LYS A 126 25.69 16.21 -10.74
CA LYS A 126 26.86 16.68 -10.02
C LYS A 126 27.03 15.72 -8.86
N SER A 127 25.89 15.38 -8.27
CA SER A 127 25.81 14.50 -7.10
C SER A 127 26.38 13.12 -7.40
N GLY A 128 26.55 12.81 -8.67
CA GLY A 128 27.14 11.53 -9.02
C GLY A 128 26.16 10.44 -9.35
N THR A 129 24.87 10.75 -9.25
CA THR A 129 23.88 9.76 -9.56
C THR A 129 22.96 10.20 -10.68
N ALA A 130 22.32 9.22 -11.28
CA ALA A 130 21.44 9.53 -12.37
C ALA A 130 20.13 8.77 -12.24
N SER A 131 19.01 9.49 -12.34
CA SER A 131 17.67 8.85 -12.29
C SER A 131 16.97 9.26 -13.53
N VAL A 132 16.42 8.27 -14.19
CA VAL A 132 15.72 8.49 -15.40
C VAL A 132 14.36 8.00 -15.12
N VAL A 133 13.37 8.85 -15.36
CA VAL A 133 11.99 8.59 -15.08
C VAL A 133 11.15 8.51 -16.26
N CYS A 134 10.24 7.56 -16.19
CA CYS A 134 9.26 7.32 -17.23
C CYS A 134 7.90 7.38 -16.54
N LEU A 135 6.98 8.18 -17.09
CA LEU A 135 5.67 8.34 -16.54
C LEU A 135 4.58 7.80 -17.50
N LEU A 136 3.66 6.96 -16.98
CA LEU A 136 2.53 6.42 -17.73
C LEU A 136 1.35 7.13 -17.04
N ASN A 137 0.74 8.04 -17.78
CA ASN A 137 -0.30 8.80 -17.16
C ASN A 137 -1.71 8.44 -17.62
N ASN A 138 -2.59 8.28 -16.63
CA ASN A 138 -4.03 8.07 -16.79
C ASN A 138 -4.44 6.89 -17.65
N PHE A 139 -4.16 5.69 -17.15
CA PHE A 139 -4.49 4.52 -17.92
C PHE A 139 -5.40 3.60 -17.16
N TYR A 140 -5.94 2.62 -17.88
CA TYR A 140 -6.84 1.61 -17.32
C TYR A 140 -6.97 0.52 -18.36
N PRO A 141 -6.89 -0.75 -17.94
CA PRO A 141 -6.71 -1.23 -16.57
C PRO A 141 -5.29 -1.12 -16.00
N ARG A 142 -5.13 -1.65 -14.81
CA ARG A 142 -3.88 -1.53 -14.12
C ARG A 142 -2.65 -2.21 -14.72
N GLU A 143 -2.81 -3.40 -15.27
CA GLU A 143 -1.68 -4.13 -15.83
C GLU A 143 -1.01 -3.29 -16.87
N ALA A 144 0.31 -3.29 -16.78
CA ALA A 144 1.12 -2.51 -17.69
C ALA A 144 2.55 -3.10 -17.63
N LYS A 145 3.34 -2.88 -18.67
CA LYS A 145 4.71 -3.37 -18.67
C LYS A 145 5.67 -2.32 -19.14
N VAL A 146 6.70 -2.09 -18.34
CA VAL A 146 7.69 -1.09 -18.67
C VAL A 146 9.10 -1.69 -18.76
N GLN A 147 9.71 -1.59 -19.95
CA GLN A 147 11.06 -2.11 -20.25
C GLN A 147 12.01 -0.98 -20.59
N TRP A 148 13.11 -0.92 -19.88
CA TRP A 148 14.13 0.09 -20.06
C TRP A 148 15.22 -0.49 -20.93
N LYS A 149 15.71 0.34 -21.88
CA LYS A 149 16.80 0.00 -22.80
C LYS A 149 17.79 1.18 -22.79
N VAL A 150 19.07 0.93 -22.52
CA VAL A 150 19.99 2.06 -22.48
C VAL A 150 20.68 2.42 -23.78
N ASP A 151 21.08 1.43 -24.57
CA ASP A 151 21.60 1.80 -25.89
C ASP A 151 20.80 0.79 -26.70
N ASN A 152 20.95 -0.47 -26.34
CA ASN A 152 20.23 -1.54 -26.99
C ASN A 152 20.03 -2.56 -25.86
N ALA A 153 20.78 -2.34 -24.79
CA ALA A 153 20.80 -3.18 -23.59
C ALA A 153 19.56 -3.05 -22.73
N LEU A 154 18.94 -4.21 -22.56
CA LEU A 154 17.76 -4.35 -21.72
C LEU A 154 18.20 -4.23 -20.25
N GLN A 155 17.59 -3.31 -19.51
CA GLN A 155 17.92 -3.18 -18.10
C GLN A 155 17.08 -4.15 -17.24
N SER A 156 17.71 -4.78 -16.24
CA SER A 156 17.01 -5.71 -15.34
C SER A 156 17.40 -5.44 -13.88
N GLY A 157 16.40 -5.27 -13.04
CA GLY A 157 16.70 -5.07 -11.63
C GLY A 157 17.26 -3.76 -11.12
N ASN A 158 17.36 -2.72 -11.94
CA ASN A 158 17.91 -1.48 -11.44
C ASN A 158 16.88 -0.37 -11.61
N SER A 159 15.61 -0.78 -11.59
CA SER A 159 14.48 0.18 -11.72
C SER A 159 13.38 -0.22 -10.75
N GLN A 160 12.58 0.77 -10.33
CA GLN A 160 11.48 0.50 -9.39
C GLN A 160 10.27 1.30 -9.86
N GLU A 161 9.11 0.70 -9.81
CA GLU A 161 7.86 1.36 -10.24
C GLU A 161 7.00 1.67 -9.03
N SER A 162 6.17 2.68 -9.18
CA SER A 162 5.26 3.01 -8.13
C SER A 162 3.92 3.35 -8.84
N VAL A 163 2.79 2.97 -8.25
CA VAL A 163 1.48 3.20 -8.87
C VAL A 163 0.52 3.90 -7.95
N THR A 164 -0.28 4.80 -8.51
CA THR A 164 -1.25 5.52 -7.70
C THR A 164 -2.51 4.59 -7.58
N GLU A 165 -3.42 4.97 -6.70
CA GLU A 165 -4.69 4.25 -6.53
C GLU A 165 -5.58 4.77 -7.63
N GLN A 166 -6.70 4.09 -7.87
CA GLN A 166 -7.58 4.55 -8.97
C GLN A 166 -7.95 5.96 -8.69
N ASP A 167 -7.94 6.80 -9.70
CA ASP A 167 -8.32 8.17 -9.47
C ASP A 167 -9.81 8.24 -9.10
N SER A 168 -10.16 9.10 -8.14
CA SER A 168 -11.52 9.23 -7.64
C SER A 168 -12.41 9.89 -8.66
N LYS A 169 -11.82 10.67 -9.54
CA LYS A 169 -12.64 11.31 -10.51
C LYS A 169 -12.76 10.45 -11.72
N ASP A 170 -11.63 10.00 -12.29
CA ASP A 170 -11.73 9.22 -13.51
C ASP A 170 -11.41 7.72 -13.52
N SER A 171 -11.21 7.12 -12.33
CA SER A 171 -10.94 5.69 -12.19
C SER A 171 -9.69 5.16 -12.88
N THR A 172 -8.83 6.06 -13.33
CA THR A 172 -7.61 5.57 -13.94
C THR A 172 -6.51 5.50 -12.91
N TYR A 173 -5.40 5.00 -13.38
CA TYR A 173 -4.20 4.88 -12.57
C TYR A 173 -3.12 5.68 -13.29
N SER A 174 -2.01 5.90 -12.57
CA SER A 174 -0.84 6.49 -13.15
C SER A 174 0.31 5.72 -12.53
N LEU A 175 1.43 5.67 -13.25
CA LEU A 175 2.57 4.94 -12.79
C LEU A 175 3.88 5.56 -13.10
N SER A 176 4.85 5.45 -12.19
CA SER A 176 6.18 5.94 -12.49
C SER A 176 7.22 4.80 -12.36
N SER A 177 8.18 4.80 -13.29
CA SER A 177 9.28 3.87 -13.26
C SER A 177 10.55 4.70 -13.29
N THR A 178 11.37 4.44 -12.29
CA THR A 178 12.62 5.12 -12.15
C THR A 178 13.77 4.18 -12.38
N LEU A 179 14.62 4.54 -13.33
CA LEU A 179 15.79 3.71 -13.67
C LEU A 179 17.00 4.41 -13.04
N THR A 180 17.75 3.73 -12.17
CA THR A 180 18.91 4.44 -11.58
C THR A 180 20.26 3.93 -12.14
N LEU A 181 21.16 4.88 -12.43
CA LEU A 181 22.54 4.61 -12.96
C LEU A 181 23.54 5.59 -12.35
N SER A 182 24.80 5.15 -12.24
CA SER A 182 25.85 6.02 -11.72
C SER A 182 26.12 7.06 -12.78
N LYS A 183 26.69 8.19 -12.35
CA LYS A 183 26.99 9.26 -13.28
C LYS A 183 27.96 8.73 -14.29
N ALA A 184 28.84 7.81 -13.89
CA ALA A 184 29.81 7.25 -14.83
C ALA A 184 29.05 6.69 -16.03
N ASP A 185 28.33 5.59 -15.77
CA ASP A 185 27.54 4.92 -16.80
C ASP A 185 26.59 5.72 -17.65
N TYR A 186 25.95 6.72 -17.05
CA TYR A 186 24.98 7.53 -17.77
C TYR A 186 25.67 8.18 -18.95
N GLU A 187 26.85 8.75 -18.65
CA GLU A 187 27.70 9.42 -19.64
C GLU A 187 28.19 8.40 -20.65
N LYS A 188 28.50 7.21 -20.14
CA LYS A 188 29.00 6.10 -20.96
C LYS A 188 28.03 5.67 -22.06
N HIS A 189 26.80 6.21 -22.07
CA HIS A 189 25.86 5.79 -23.09
C HIS A 189 25.08 6.88 -23.79
N LYS A 190 24.38 6.49 -24.85
CA LYS A 190 23.62 7.46 -25.66
C LYS A 190 22.12 7.47 -25.65
N VAL A 191 21.52 6.34 -26.04
CA VAL A 191 20.07 6.25 -26.16
C VAL A 191 19.24 5.63 -25.03
N TYR A 192 18.58 6.48 -24.24
CA TYR A 192 17.74 6.01 -23.14
C TYR A 192 16.30 6.00 -23.59
N ALA A 193 15.64 4.88 -23.33
CA ALA A 193 14.28 4.64 -23.79
C ALA A 193 13.42 3.74 -22.86
N CYS A 194 12.12 4.01 -22.75
CA CYS A 194 11.26 3.11 -21.99
C CYS A 194 10.26 2.67 -23.00
N GLU A 195 10.06 1.36 -23.06
CA GLU A 195 9.09 0.73 -23.95
C GLU A 195 7.94 0.34 -23.03
N VAL A 196 6.73 0.77 -23.35
CA VAL A 196 5.55 0.50 -22.55
C VAL A 196 4.52 -0.41 -23.21
N THR A 197 4.12 -1.43 -22.48
CA THR A 197 3.11 -2.32 -23.06
C THR A 197 1.85 -2.21 -22.24
N HIS A 198 0.74 -2.09 -22.93
CA HIS A 198 -0.51 -1.97 -22.26
C HIS A 198 -1.64 -2.26 -23.21
N GLN A 199 -2.69 -2.88 -22.68
CA GLN A 199 -3.85 -3.26 -23.47
C GLN A 199 -4.38 -2.16 -24.39
N GLY A 200 -4.41 -0.92 -23.95
CA GLY A 200 -4.93 0.11 -24.82
C GLY A 200 -4.04 0.54 -25.98
N LEU A 201 -2.80 0.05 -26.02
CA LEU A 201 -1.85 0.37 -27.09
C LEU A 201 -1.92 -0.79 -28.02
N SER A 202 -2.26 -0.56 -29.28
CA SER A 202 -2.33 -1.70 -30.20
C SER A 202 -0.92 -2.19 -30.43
N SER A 203 0.05 -1.35 -30.08
CA SER A 203 1.48 -1.67 -30.23
C SER A 203 2.34 -0.89 -29.20
N PRO A 204 3.35 -1.54 -28.62
CA PRO A 204 4.23 -0.91 -27.63
C PRO A 204 4.68 0.49 -28.03
N VAL A 205 4.78 1.42 -27.06
CA VAL A 205 5.27 2.77 -27.39
C VAL A 205 6.59 2.98 -26.70
N THR A 206 7.46 3.73 -27.37
CA THR A 206 8.80 4.04 -26.85
C THR A 206 9.04 5.54 -26.85
N LYS A 207 9.48 6.06 -25.73
CA LYS A 207 9.84 7.46 -25.66
C LYS A 207 11.29 7.33 -25.22
N SER A 208 12.18 8.07 -25.88
CA SER A 208 13.59 8.00 -25.54
C SER A 208 14.24 9.32 -25.77
N PHE A 209 15.50 9.40 -25.34
CA PHE A 209 16.31 10.57 -25.52
C PHE A 209 17.79 10.18 -25.64
N ASN A 210 18.56 11.07 -26.29
CA ASN A 210 20.00 10.90 -26.48
C ASN A 210 20.72 11.77 -25.42
N ARG A 211 21.51 11.10 -24.60
CA ARG A 211 22.22 11.81 -23.58
C ARG A 211 23.02 12.93 -24.23
N GLN B 1 -18.56 2.08 23.31
CA GLN B 1 -17.97 1.71 24.64
C GLN B 1 -16.76 0.80 24.48
N VAL B 2 -16.90 -0.30 23.74
CA VAL B 2 -15.73 -1.17 23.56
C VAL B 2 -14.67 -0.55 22.59
N GLN B 3 -13.43 -0.37 23.11
CA GLN B 3 -12.30 0.20 22.34
C GLN B 3 -10.93 -0.39 22.67
N LEU B 4 -10.12 -0.57 21.62
CA LEU B 4 -8.76 -1.09 21.74
C LEU B 4 -7.82 -0.01 21.21
N GLN B 5 -6.98 0.56 22.09
CA GLN B 5 -6.04 1.62 21.76
C GLN B 5 -4.65 1.00 21.68
N GLN B 6 -4.00 1.11 20.51
CA GLN B 6 -2.67 0.47 20.37
C GLN B 6 -1.61 1.53 20.52
N SER B 7 -0.40 1.12 20.87
CA SER B 7 0.77 2.04 21.03
C SER B 7 1.24 2.66 19.69
N GLY B 8 2.07 3.73 19.80
CA GLY B 8 2.57 4.44 18.62
C GLY B 8 3.52 3.74 17.67
N ALA B 9 3.73 4.35 16.51
CA ALA B 9 4.66 3.80 15.52
C ALA B 9 6.03 3.62 16.20
N GLU B 10 6.83 2.68 15.72
CA GLU B 10 8.11 2.35 16.31
C GLU B 10 9.11 2.19 15.14
N LEU B 11 10.33 2.64 15.32
CA LEU B 11 11.33 2.52 14.29
C LEU B 11 12.43 1.78 15.08
N MET B 12 12.74 0.57 14.65
CA MET B 12 13.70 -0.28 15.37
C MET B 12 14.84 -0.72 14.49
N LYS B 13 15.97 -0.97 15.14
CA LYS B 13 17.14 -1.50 14.46
C LYS B 13 16.96 -3.04 14.27
N PRO B 14 17.54 -3.59 13.21
CA PRO B 14 17.44 -5.04 12.96
C PRO B 14 18.09 -5.72 14.19
N GLY B 15 17.54 -6.87 14.62
CA GLY B 15 18.10 -7.56 15.78
C GLY B 15 17.48 -7.15 17.09
N ALA B 16 16.83 -6.01 17.15
CA ALA B 16 16.23 -5.62 18.41
C ALA B 16 14.89 -6.31 18.63
N SER B 17 14.29 -6.03 19.79
CA SER B 17 12.95 -6.55 20.13
C SER B 17 12.12 -5.30 20.40
N VAL B 18 10.77 -5.37 20.27
CA VAL B 18 9.89 -4.22 20.48
C VAL B 18 8.63 -4.76 21.11
N LYS B 19 8.05 -4.03 22.05
CA LYS B 19 6.87 -4.54 22.70
C LYS B 19 5.74 -3.57 22.35
N ILE B 20 4.66 -4.07 21.77
CA ILE B 20 3.58 -3.18 21.39
C ILE B 20 2.45 -3.49 22.34
N SER B 21 1.64 -2.47 22.61
CA SER B 21 0.57 -2.61 23.53
C SER B 21 -0.82 -2.40 22.93
N CYS B 22 -1.79 -2.93 23.65
CA CYS B 22 -3.21 -2.91 23.26
C CYS B 22 -4.02 -2.72 24.53
N LYS B 23 -4.47 -1.48 24.75
CA LYS B 23 -5.23 -1.16 25.94
C LYS B 23 -6.70 -1.28 25.58
N ALA B 24 -7.38 -2.18 26.28
CA ALA B 24 -8.79 -2.47 26.02
C ALA B 24 -9.67 -1.87 27.10
N THR B 25 -10.84 -1.39 26.71
CA THR B 25 -11.77 -0.77 27.66
C THR B 25 -13.22 -0.92 27.25
N GLY B 26 -14.14 -0.69 28.22
CA GLY B 26 -15.57 -0.81 27.96
C GLY B 26 -16.12 -2.23 28.01
N TYR B 27 -15.36 -3.17 28.54
CA TYR B 27 -15.82 -4.57 28.67
C TYR B 27 -14.90 -5.38 29.62
N THR B 28 -15.35 -6.56 30.06
CA THR B 28 -14.56 -7.42 30.98
C THR B 28 -13.34 -8.13 30.31
N PHE B 29 -12.17 -7.49 30.38
CA PHE B 29 -10.89 -7.94 29.77
C PHE B 29 -10.56 -9.44 29.85
N SER B 30 -10.85 -10.03 31.01
CA SER B 30 -10.53 -11.41 31.25
C SER B 30 -11.28 -12.48 30.48
N SER B 31 -12.49 -12.20 30.02
CA SER B 31 -13.19 -13.29 29.33
C SER B 31 -13.10 -13.31 27.79
N TYR B 32 -12.48 -12.30 27.19
CA TYR B 32 -12.30 -12.29 25.73
C TYR B 32 -10.88 -12.50 25.25
N TRP B 33 -10.71 -13.33 24.22
CA TRP B 33 -9.38 -13.55 23.69
C TRP B 33 -9.00 -12.28 22.92
N ILE B 34 -7.69 -11.99 22.92
CA ILE B 34 -7.10 -10.87 22.18
C ILE B 34 -6.31 -11.57 21.09
N GLU B 35 -6.62 -11.20 19.85
CA GLU B 35 -6.01 -11.71 18.64
C GLU B 35 -4.93 -10.73 18.09
N TRP B 36 -3.88 -11.27 17.48
CA TRP B 36 -2.82 -10.42 16.91
C TRP B 36 -2.63 -10.79 15.47
N VAL B 37 -2.61 -9.74 14.67
CA VAL B 37 -2.51 -9.93 13.25
C VAL B 37 -1.45 -9.01 12.60
N LYS B 38 -0.79 -9.52 11.55
CA LYS B 38 0.24 -8.76 10.86
C LYS B 38 -0.13 -8.53 9.43
N GLN B 39 0.16 -7.31 8.99
CA GLN B 39 -0.06 -6.96 7.64
C GLN B 39 1.17 -6.28 7.05
N ARG B 40 1.85 -6.97 6.13
CA ARG B 40 3.01 -6.38 5.43
C ARG B 40 2.39 -6.04 4.07
N PRO B 41 2.79 -4.95 3.45
CA PRO B 41 2.11 -4.76 2.16
C PRO B 41 2.42 -5.94 1.27
N GLY B 42 1.47 -6.34 0.45
CA GLY B 42 1.74 -7.47 -0.42
C GLY B 42 1.72 -8.86 0.21
N HIS B 43 1.39 -8.94 1.49
CA HIS B 43 1.31 -10.28 2.14
C HIS B 43 -0.01 -10.40 2.89
N GLY B 44 -1.01 -9.69 2.38
CA GLY B 44 -2.33 -9.75 3.01
C GLY B 44 -2.20 -9.66 4.52
N LEU B 45 -3.19 -10.24 5.18
CA LEU B 45 -3.28 -10.36 6.64
C LEU B 45 -2.73 -11.77 7.07
N GLU B 46 -1.99 -11.84 8.21
CA GLU B 46 -1.47 -13.06 8.77
C GLU B 46 -1.88 -13.15 10.21
N TRP B 47 -2.27 -14.35 10.64
CA TRP B 47 -2.63 -14.48 12.07
C TRP B 47 -1.35 -14.85 12.84
N ILE B 48 -1.08 -14.17 13.96
CA ILE B 48 0.17 -14.41 14.73
C ILE B 48 -0.18 -15.40 15.87
N GLY B 49 -1.27 -15.09 16.57
CA GLY B 49 -1.79 -15.87 17.69
C GLY B 49 -2.76 -15.08 18.55
N GLU B 50 -3.09 -15.56 19.76
CA GLU B 50 -4.07 -14.89 20.56
C GLU B 50 -3.75 -15.23 21.98
N ILE B 51 -4.34 -14.49 22.89
CA ILE B 51 -4.07 -14.77 24.28
C ILE B 51 -5.34 -14.45 25.04
N LEU B 52 -5.63 -15.22 26.08
CA LEU B 52 -6.84 -14.97 26.87
C LEU B 52 -6.28 -14.40 28.17
N PRO B 53 -6.62 -13.13 28.46
CA PRO B 53 -6.15 -12.45 29.67
C PRO B 53 -6.63 -13.23 30.88
N GLY B 54 -5.71 -13.46 31.82
CA GLY B 54 -6.01 -14.23 33.03
C GLY B 54 -6.13 -15.74 32.82
N SER B 55 -6.89 -16.16 31.82
CA SER B 55 -7.14 -17.60 31.53
C SER B 55 -6.57 -18.24 30.24
N GLY B 56 -6.57 -19.59 30.24
CA GLY B 56 -6.14 -20.43 29.12
C GLY B 56 -5.08 -19.86 28.20
N SER B 57 -4.51 -18.78 28.70
CA SER B 57 -3.51 -18.00 28.09
C SER B 57 -3.28 -17.94 26.56
N THR B 58 -2.49 -18.85 25.96
CA THR B 58 -2.11 -18.64 24.57
C THR B 58 -2.14 -19.64 23.46
N ASN B 59 -2.35 -19.15 22.23
CA ASN B 59 -2.27 -20.03 21.08
C ASN B 59 -1.48 -19.27 20.01
N TYR B 60 -0.37 -19.85 19.61
CA TYR B 60 0.47 -19.22 18.61
C TYR B 60 0.44 -20.01 17.32
N ASN B 61 0.58 -19.30 16.19
CA ASN B 61 0.75 -19.90 14.87
C ASN B 61 2.23 -20.43 14.87
N GLU B 62 2.41 -21.70 14.58
CA GLU B 62 3.74 -22.25 14.49
C GLU B 62 4.28 -21.57 13.25
N LYS B 63 5.17 -20.61 13.44
CA LYS B 63 5.79 -19.85 12.37
C LYS B 63 6.27 -18.61 13.08
N PHE B 64 5.42 -18.12 14.01
CA PHE B 64 5.76 -16.95 14.82
C PHE B 64 6.17 -17.37 16.20
N LYS B 65 6.23 -18.68 16.45
CA LYS B 65 6.64 -19.12 17.76
C LYS B 65 8.14 -18.72 17.93
N GLY B 66 8.45 -17.94 18.94
CA GLY B 66 9.84 -17.56 19.08
C GLY B 66 10.04 -16.12 18.65
N LYS B 67 9.26 -15.70 17.67
CA LYS B 67 9.36 -14.30 17.19
C LYS B 67 8.41 -13.41 18.00
N ALA B 68 7.27 -13.97 18.35
CA ALA B 68 6.26 -13.24 19.07
C ALA B 68 5.95 -13.88 20.42
N THR B 69 5.73 -13.03 21.41
CA THR B 69 5.39 -13.49 22.75
C THR B 69 4.35 -12.55 23.25
N PHE B 70 3.23 -13.14 23.66
CA PHE B 70 2.09 -12.37 24.16
C PHE B 70 2.00 -12.36 25.68
N THR B 71 1.56 -11.24 26.24
CA THR B 71 1.31 -11.21 27.66
C THR B 71 0.14 -10.23 27.79
N ALA B 72 -0.51 -10.21 28.95
CA ALA B 72 -1.63 -9.30 29.17
C ALA B 72 -1.69 -8.94 30.65
N ASP B 73 -1.77 -7.66 30.97
CA ASP B 73 -1.83 -7.17 32.37
C ASP B 73 -3.26 -6.80 32.72
N THR B 74 -3.84 -7.62 33.61
CA THR B 74 -5.21 -7.53 34.11
C THR B 74 -5.60 -6.31 34.93
N SER B 75 -4.66 -5.77 35.68
CA SER B 75 -4.96 -4.62 36.53
C SER B 75 -5.07 -3.37 35.67
N SER B 76 -4.32 -3.33 34.57
CA SER B 76 -4.37 -2.23 33.64
C SER B 76 -5.12 -2.60 32.33
N ASN B 77 -5.67 -3.82 32.24
CA ASN B 77 -6.43 -4.18 31.03
C ASN B 77 -5.61 -3.87 29.76
N THR B 78 -4.38 -4.36 29.70
CA THR B 78 -3.54 -4.08 28.56
C THR B 78 -2.94 -5.38 28.10
N ALA B 79 -2.95 -5.61 26.78
CA ALA B 79 -2.37 -6.83 26.27
C ALA B 79 -1.11 -6.44 25.57
N TYR B 80 -0.10 -7.31 25.58
CA TYR B 80 1.15 -6.98 24.96
C TYR B 80 1.67 -7.98 23.97
N MET B 81 2.32 -7.48 22.89
CA MET B 81 2.97 -8.41 21.99
C MET B 81 4.48 -7.97 21.80
N GLN B 82 5.39 -8.89 22.09
CA GLN B 82 6.80 -8.64 21.90
C GLN B 82 7.36 -9.40 20.69
N LEU B 83 7.98 -8.63 19.79
CA LEU B 83 8.60 -9.23 18.62
C LEU B 83 10.10 -9.18 18.88
N SER B 84 10.76 -10.27 18.61
CA SER B 84 12.18 -10.27 18.94
C SER B 84 12.98 -10.57 17.73
N SER B 85 14.26 -10.23 17.83
CA SER B 85 15.20 -10.49 16.75
C SER B 85 14.63 -10.00 15.42
N LEU B 86 14.22 -8.75 15.42
CA LEU B 86 13.63 -8.09 14.24
C LEU B 86 14.49 -8.06 12.98
N THR B 87 13.81 -8.28 11.86
CA THR B 87 14.41 -8.21 10.49
C THR B 87 13.43 -7.37 9.60
N SER B 88 13.85 -7.02 8.36
CA SER B 88 13.02 -6.22 7.46
C SER B 88 11.67 -6.97 7.18
N GLU B 89 11.72 -8.29 7.29
CA GLU B 89 10.54 -9.11 7.10
C GLU B 89 9.49 -8.74 8.16
N ASP B 90 9.95 -8.22 9.30
CA ASP B 90 9.03 -7.77 10.35
C ASP B 90 8.47 -6.38 10.19
N SER B 91 8.98 -5.59 9.26
CA SER B 91 8.41 -4.30 9.03
C SER B 91 6.94 -4.59 8.50
N ALA B 92 5.94 -3.98 9.14
CA ALA B 92 4.53 -4.25 8.86
C ALA B 92 3.68 -3.43 9.84
N VAL B 93 2.37 -3.39 9.57
CA VAL B 93 1.47 -2.82 10.53
C VAL B 93 0.94 -4.05 11.35
N TYR B 94 0.87 -3.89 12.67
CA TYR B 94 0.40 -4.94 13.60
C TYR B 94 -0.88 -4.54 14.23
N TYR B 95 -1.92 -5.40 14.14
CA TYR B 95 -3.19 -5.02 14.76
C TYR B 95 -3.57 -6.02 15.89
N CYS B 96 -4.19 -5.50 16.95
CA CYS B 96 -4.74 -6.41 17.96
C CYS B 96 -6.25 -6.31 17.65
N ALA B 97 -7.03 -7.31 18.06
CA ALA B 97 -8.48 -7.32 17.81
C ALA B 97 -9.10 -8.18 18.97
N ARG B 98 -10.31 -7.85 19.36
CA ARG B 98 -10.98 -8.61 20.39
C ARG B 98 -11.78 -9.73 19.75
N GLY B 99 -11.46 -10.96 20.13
CA GLY B 99 -12.19 -12.09 19.59
C GLY B 99 -13.38 -12.53 20.43
N HIS B 100 -13.46 -13.83 20.65
CA HIS B 100 -14.57 -14.39 21.36
C HIS B 100 -14.42 -14.54 22.85
N SER B 101 -15.58 -14.63 23.47
CA SER B 101 -15.71 -14.82 24.90
C SER B 101 -16.59 -16.01 25.19
N TYR B 102 -16.27 -16.69 26.30
CA TYR B 102 -17.04 -17.84 26.74
C TYR B 102 -18.55 -17.66 26.51
N TYR B 103 -19.12 -16.57 27.04
CA TYR B 103 -20.57 -16.34 26.94
C TYR B 103 -21.09 -15.57 25.74
N PHE B 104 -20.33 -14.57 25.30
CA PHE B 104 -20.76 -13.76 24.17
C PHE B 104 -19.73 -13.55 23.11
N TYR B 105 -20.26 -13.45 21.89
CA TYR B 105 -19.50 -13.23 20.66
C TYR B 105 -20.49 -12.68 19.57
N ASP B 106 -20.08 -11.65 18.83
CA ASP B 106 -20.93 -11.13 17.77
C ASP B 106 -20.08 -10.34 16.75
N GLY B 107 -18.83 -10.78 16.57
CA GLY B 107 -17.88 -10.17 15.63
C GLY B 107 -16.57 -9.73 16.29
N ASP B 108 -15.97 -8.63 15.83
CA ASP B 108 -14.75 -8.16 16.47
C ASP B 108 -14.59 -6.63 16.50
N TYR B 109 -13.73 -6.24 17.42
CA TYR B 109 -13.39 -4.87 17.60
C TYR B 109 -11.93 -5.00 17.24
N TRP B 110 -11.47 -4.11 16.38
CA TRP B 110 -10.11 -4.07 15.89
C TRP B 110 -9.37 -2.83 16.46
N GLY B 111 -8.09 -3.00 16.77
CA GLY B 111 -7.33 -1.86 17.22
C GLY B 111 -7.02 -1.01 15.97
N GLN B 112 -6.48 0.22 16.14
CA GLN B 112 -6.20 1.13 15.04
C GLN B 112 -4.88 0.78 14.29
N GLY B 113 -4.13 -0.17 14.85
CA GLY B 113 -2.91 -0.67 14.23
C GLY B 113 -1.63 0.03 14.72
N THR B 114 -0.51 -0.64 14.69
CA THR B 114 0.80 -0.07 15.15
C THR B 114 1.79 -0.36 14.06
N SER B 115 2.33 0.68 13.41
CA SER B 115 3.34 0.49 12.38
C SER B 115 4.73 0.26 13.03
N VAL B 116 5.45 -0.75 12.56
CA VAL B 116 6.80 -1.04 13.08
C VAL B 116 7.65 -1.10 11.84
N THR B 117 8.71 -0.26 11.77
CA THR B 117 9.64 -0.24 10.64
C THR B 117 10.95 -0.69 11.22
N VAL B 118 11.65 -1.57 10.54
CA VAL B 118 12.91 -2.09 11.03
C VAL B 118 13.94 -1.69 9.96
N SER B 119 14.89 -0.86 10.34
CA SER B 119 15.88 -0.42 9.39
C SER B 119 17.12 0.09 10.17
N SER B 120 18.29 -0.03 9.58
CA SER B 120 19.47 0.51 10.22
C SER B 120 19.69 1.92 9.63
N ALA B 121 18.77 2.41 8.80
CA ALA B 121 19.01 3.74 8.21
C ALA B 121 19.02 4.89 9.22
N SER B 122 19.75 5.97 8.90
CA SER B 122 19.78 7.20 9.75
C SER B 122 18.85 8.31 9.20
N THR B 123 18.26 9.09 10.06
CA THR B 123 17.35 10.17 9.62
C THR B 123 18.01 11.02 8.55
N LYS B 124 17.29 11.37 7.47
CA LYS B 124 17.91 12.14 6.39
C LYS B 124 16.92 12.87 5.51
N GLY B 125 17.24 14.14 5.26
CA GLY B 125 16.38 14.94 4.43
C GLY B 125 16.62 14.55 2.97
N PRO B 126 15.63 14.70 2.12
CA PRO B 126 15.81 14.34 0.73
C PRO B 126 16.42 15.45 -0.10
N SER B 127 16.88 15.08 -1.29
CA SER B 127 17.31 16.07 -2.28
C SER B 127 16.12 16.09 -3.21
N VAL B 128 15.78 17.26 -3.71
CA VAL B 128 14.64 17.40 -4.58
C VAL B 128 15.14 17.83 -5.92
N PHE B 129 14.94 16.96 -6.90
CA PHE B 129 15.35 17.26 -8.24
C PHE B 129 14.19 17.53 -9.17
N PRO B 130 14.40 18.46 -10.15
CA PRO B 130 13.29 18.73 -11.06
C PRO B 130 13.10 17.70 -12.18
N LEU B 131 11.84 17.48 -12.58
CA LEU B 131 11.49 16.64 -13.71
C LEU B 131 10.92 17.69 -14.71
N ALA B 132 11.80 18.30 -15.50
CA ALA B 132 11.46 19.38 -16.49
C ALA B 132 10.59 18.97 -17.69
N PRO B 133 9.58 19.79 -18.02
CA PRO B 133 8.76 19.39 -19.18
C PRO B 133 9.50 19.71 -20.47
N SER B 134 9.10 19.08 -21.56
CA SER B 134 9.69 19.33 -22.88
C SER B 134 8.52 19.50 -23.84
N SER B 135 8.22 20.75 -24.25
CA SER B 135 7.09 21.06 -25.18
C SER B 135 7.02 22.53 -25.70
N LYS B 136 6.94 23.50 -24.78
CA LYS B 136 6.90 24.94 -25.06
C LYS B 136 6.11 25.48 -26.29
N SER B 137 4.98 24.88 -26.68
CA SER B 137 4.31 25.43 -27.87
C SER B 137 2.85 25.07 -28.17
N THR B 138 2.48 25.24 -29.44
CA THR B 138 1.15 24.95 -29.99
C THR B 138 0.00 25.31 -29.03
N SER B 139 -0.61 26.47 -29.30
CA SER B 139 -1.71 27.03 -28.53
C SER B 139 -2.44 26.08 -27.59
N GLY B 140 -1.77 25.80 -26.46
CA GLY B 140 -2.31 24.92 -25.43
C GLY B 140 -2.06 23.41 -25.52
N GLY B 141 -0.82 22.99 -25.79
CA GLY B 141 -0.54 21.55 -25.86
C GLY B 141 -0.73 20.94 -24.47
N THR B 142 -0.01 19.85 -24.16
CA THR B 142 -0.12 19.25 -22.82
C THR B 142 1.21 18.63 -22.39
N ALA B 143 1.84 19.23 -21.38
CA ALA B 143 3.13 18.77 -20.88
C ALA B 143 3.06 18.26 -19.42
N ALA B 144 4.04 17.43 -19.06
CA ALA B 144 4.11 16.87 -17.74
C ALA B 144 5.37 17.33 -17.11
N LEU B 145 5.31 17.63 -15.83
CA LEU B 145 6.51 18.06 -15.16
C LEU B 145 6.40 17.57 -13.73
N GLY B 146 7.49 17.67 -12.99
CA GLY B 146 7.38 17.21 -11.64
C GLY B 146 8.60 17.38 -10.83
N CYS B 147 8.65 16.66 -9.70
CA CYS B 147 9.80 16.72 -8.79
C CYS B 147 10.14 15.31 -8.31
N LEU B 148 11.44 14.99 -8.24
CA LEU B 148 11.92 13.69 -7.74
C LEU B 148 12.39 14.02 -6.35
N VAL B 149 11.77 13.40 -5.33
CA VAL B 149 12.16 13.61 -3.96
C VAL B 149 13.00 12.40 -3.62
N LYS B 150 14.32 12.62 -3.62
CA LYS B 150 15.19 11.50 -3.41
C LYS B 150 15.96 11.33 -2.09
N ASP B 151 16.03 10.05 -1.69
CA ASP B 151 16.83 9.61 -0.56
C ASP B 151 16.60 10.19 0.80
N TYR B 152 15.43 9.95 1.38
CA TYR B 152 15.16 10.48 2.69
C TYR B 152 14.81 9.29 3.58
N PHE B 153 14.82 9.47 4.91
CA PHE B 153 14.48 8.44 5.87
C PHE B 153 14.17 9.28 7.12
N PRO B 154 13.06 8.97 7.83
CA PRO B 154 12.14 7.89 7.46
C PRO B 154 10.88 8.49 6.79
N GLU B 155 9.84 7.69 6.59
CA GLU B 155 8.67 8.34 6.03
C GLU B 155 8.07 9.23 7.11
N PRO B 156 7.21 10.17 6.73
CA PRO B 156 6.87 10.33 5.34
C PRO B 156 7.32 11.72 4.91
N VAL B 157 7.06 11.99 3.64
CA VAL B 157 7.34 13.28 3.02
C VAL B 157 5.99 13.80 2.59
N THR B 158 5.83 15.12 2.53
CA THR B 158 4.58 15.66 2.02
C THR B 158 4.95 16.61 0.87
N VAL B 159 4.12 16.58 -0.17
CA VAL B 159 4.34 17.36 -1.40
C VAL B 159 3.09 18.06 -1.91
N SER B 160 3.23 19.36 -2.21
CA SER B 160 2.13 20.15 -2.76
C SER B 160 2.75 21.01 -3.88
N TRP B 161 1.93 21.52 -4.79
CA TRP B 161 2.34 22.34 -5.91
C TRP B 161 1.76 23.77 -5.71
N ASN B 162 2.62 24.79 -5.84
CA ASN B 162 2.23 26.20 -5.65
C ASN B 162 1.44 26.39 -4.37
N SER B 163 2.09 25.98 -3.29
CA SER B 163 1.52 26.04 -1.95
C SER B 163 0.09 25.53 -1.88
N GLY B 164 -0.28 24.69 -2.84
CA GLY B 164 -1.60 24.12 -2.79
C GLY B 164 -2.64 24.68 -3.73
N ALA B 165 -2.28 25.63 -4.55
CA ALA B 165 -3.26 26.22 -5.47
C ALA B 165 -3.42 25.40 -6.73
N LEU B 166 -2.48 24.49 -6.98
CA LEU B 166 -2.54 23.65 -8.16
C LEU B 166 -2.73 22.29 -7.58
N THR B 167 -3.86 21.64 -7.85
CA THR B 167 -4.10 20.30 -7.31
C THR B 167 -4.68 19.46 -8.43
N SER B 168 -5.10 20.16 -9.45
CA SER B 168 -5.66 19.56 -10.64
C SER B 168 -4.58 18.85 -11.49
N GLY B 169 -4.75 17.57 -11.77
CA GLY B 169 -3.77 16.87 -12.58
C GLY B 169 -2.49 16.50 -11.85
N VAL B 170 -2.54 16.51 -10.52
CA VAL B 170 -1.39 16.18 -9.67
C VAL B 170 -1.43 14.71 -9.17
N HIS B 171 -0.35 13.94 -9.39
CA HIS B 171 -0.23 12.55 -8.87
C HIS B 171 1.09 12.47 -8.11
N THR B 172 1.03 12.22 -6.81
CA THR B 172 2.21 12.08 -5.98
C THR B 172 2.18 10.57 -5.75
N PHE B 173 3.17 9.85 -6.27
CA PHE B 173 3.22 8.38 -6.12
C PHE B 173 3.63 7.86 -4.76
N PRO B 174 3.31 6.57 -4.46
CA PRO B 174 3.68 5.95 -3.15
C PRO B 174 5.23 5.95 -3.11
N ALA B 175 5.81 6.13 -1.95
CA ALA B 175 7.27 6.11 -1.87
C ALA B 175 7.73 4.70 -2.12
N VAL B 176 9.00 4.55 -2.49
CA VAL B 176 9.54 3.22 -2.72
C VAL B 176 10.80 3.21 -1.87
N LEU B 177 11.03 2.05 -1.26
CA LEU B 177 12.18 1.85 -0.41
C LEU B 177 13.32 1.35 -1.31
N GLN B 178 14.39 2.14 -1.37
CA GLN B 178 15.53 1.79 -2.24
C GLN B 178 16.51 0.81 -1.58
N SER B 179 17.36 0.22 -2.39
CA SER B 179 18.33 -0.71 -1.86
C SER B 179 19.24 -0.04 -0.87
N SER B 180 19.54 1.22 -1.13
CA SER B 180 20.36 1.97 -0.25
C SER B 180 19.73 1.98 1.14
N GLY B 181 18.45 1.63 1.23
CA GLY B 181 17.74 1.70 2.49
C GLY B 181 16.98 3.04 2.71
N LEU B 182 17.12 3.96 1.76
CA LEU B 182 16.42 5.26 1.82
C LEU B 182 15.18 5.25 0.91
N TYR B 183 14.24 6.15 1.13
CA TYR B 183 13.03 6.19 0.28
C TYR B 183 13.12 7.22 -0.81
N SER B 184 12.31 7.04 -1.84
CA SER B 184 12.26 7.99 -2.90
C SER B 184 10.79 8.12 -3.41
N LEU B 185 10.34 9.34 -3.72
CA LEU B 185 9.03 9.46 -4.40
C LEU B 185 9.09 10.57 -5.44
N SER B 186 8.16 10.53 -6.40
CA SER B 186 8.05 11.53 -7.41
C SER B 186 6.65 12.11 -7.31
N SER B 187 6.50 13.39 -7.63
CA SER B 187 5.17 14.01 -7.74
C SER B 187 5.15 14.61 -9.16
N VAL B 188 4.08 14.37 -9.91
CA VAL B 188 4.09 14.91 -11.25
C VAL B 188 2.81 15.64 -11.48
N VAL B 189 2.82 16.50 -12.50
CA VAL B 189 1.60 17.23 -12.81
C VAL B 189 1.64 17.57 -14.27
N THR B 190 0.47 17.49 -14.91
CA THR B 190 0.34 17.80 -16.31
C THR B 190 -0.38 19.14 -16.42
N VAL B 191 0.19 20.01 -17.25
CA VAL B 191 -0.34 21.33 -17.41
C VAL B 191 -0.59 21.59 -18.88
N PRO B 192 -1.16 22.77 -19.19
CA PRO B 192 -1.38 23.03 -20.61
C PRO B 192 -0.01 23.52 -21.09
N SER B 193 0.36 23.13 -22.30
CA SER B 193 1.64 23.54 -22.87
C SER B 193 1.73 25.05 -22.75
N SER B 194 0.84 25.73 -23.47
CA SER B 194 0.77 27.19 -23.50
C SER B 194 1.41 27.89 -22.28
N SER B 195 1.17 27.39 -21.08
CA SER B 195 1.72 28.01 -19.87
C SER B 195 3.18 27.79 -19.57
N LEU B 196 3.76 26.73 -20.07
CA LEU B 196 5.16 26.47 -19.76
C LEU B 196 6.08 27.68 -19.76
N GLY B 197 5.72 28.72 -20.52
CA GLY B 197 6.56 29.90 -20.58
C GLY B 197 6.09 30.96 -19.61
N THR B 198 4.78 31.13 -19.58
CA THR B 198 4.18 32.08 -18.68
C THR B 198 4.25 31.63 -17.21
N GLN B 199 3.51 30.55 -16.89
CA GLN B 199 3.42 30.07 -15.51
C GLN B 199 4.58 29.39 -14.84
N THR B 200 4.63 29.58 -13.54
CA THR B 200 5.64 28.99 -12.72
C THR B 200 4.99 27.87 -11.91
N TYR B 201 5.75 26.79 -11.73
CA TYR B 201 5.31 25.59 -11.01
C TYR B 201 6.39 25.25 -9.98
N ILE B 202 6.04 25.29 -8.69
CA ILE B 202 7.06 25.03 -7.68
C ILE B 202 6.49 23.87 -6.94
N CYS B 203 7.33 22.94 -6.49
CA CYS B 203 6.76 21.86 -5.73
C CYS B 203 7.27 22.15 -4.34
N ASN B 204 6.37 21.98 -3.39
CA ASN B 204 6.67 22.27 -1.98
C ASN B 204 6.90 20.93 -1.23
N VAL B 205 8.12 20.73 -0.75
CA VAL B 205 8.43 19.46 -0.11
C VAL B 205 8.72 19.61 1.37
N ASN B 206 8.09 18.75 2.18
CA ASN B 206 8.33 18.79 3.61
C ASN B 206 8.57 17.40 4.17
N HIS B 207 9.69 17.28 4.89
CA HIS B 207 10.09 16.03 5.54
C HIS B 207 10.30 16.43 7.02
N LYS B 208 9.27 16.21 7.81
CA LYS B 208 9.37 16.63 9.21
C LYS B 208 10.37 15.88 10.04
N PRO B 209 10.57 14.61 9.76
CA PRO B 209 11.57 14.05 10.65
C PRO B 209 12.94 14.72 10.58
N SER B 210 13.28 15.38 9.46
CA SER B 210 14.59 16.00 9.42
C SER B 210 14.44 17.50 9.36
N ASN B 211 13.19 17.95 9.52
CA ASN B 211 12.89 19.36 9.51
C ASN B 211 13.38 19.99 8.19
N THR B 212 13.25 19.21 7.13
CA THR B 212 13.60 19.70 5.82
C THR B 212 12.36 20.27 5.20
N LYS B 213 12.52 21.47 4.65
CA LYS B 213 11.47 22.18 3.94
C LYS B 213 12.13 22.74 2.65
N VAL B 214 11.62 22.35 1.50
CA VAL B 214 12.14 22.78 0.19
C VAL B 214 11.01 23.22 -0.73
N ASP B 215 11.23 24.33 -1.44
CA ASP B 215 10.29 24.83 -2.45
C ASP B 215 11.12 24.78 -3.75
N LYS B 216 10.78 23.87 -4.64
CA LYS B 216 11.57 23.66 -5.86
C LYS B 216 10.96 24.19 -7.18
N LYS B 217 11.52 25.23 -7.80
CA LYS B 217 10.91 25.69 -9.04
C LYS B 217 11.27 24.72 -10.16
N VAL B 218 10.31 24.32 -10.98
CA VAL B 218 10.59 23.36 -12.06
C VAL B 218 10.28 24.06 -13.36
N GLU B 219 11.31 24.30 -14.17
CA GLU B 219 11.10 25.02 -15.40
C GLU B 219 11.52 24.23 -16.63
N PRO B 220 10.96 24.58 -17.79
CA PRO B 220 11.31 23.86 -19.01
C PRO B 220 12.74 24.19 -19.31
N LYS B 221 13.51 23.19 -19.71
CA LYS B 221 14.91 23.39 -20.03
C LYS B 221 15.59 22.02 -20.02
CD CD C . -27.24 1.68 -0.27
CD CD D . -4.76 12.32 -13.81
CD CD E . -17.48 2.85 6.99
CD CD F . -22.93 3.70 3.01
C1 HOP G . -8.78 -11.37 13.70
C2 HOP G . -10.12 -10.88 13.81
C6 HOP G . -8.44 -12.63 14.26
C5 HOP G . -9.42 -13.42 14.92
C4 HOP G . -10.77 -12.94 15.03
C3 HOP G . -11.10 -11.66 14.48
C7 HOP G . -11.85 -13.76 15.77
C12 HOP G . -11.28 -14.59 16.99
C11 HOP G . -12.36 -15.42 17.72
C10 HOP G . -13.06 -16.41 16.72
C9 HOP G . -13.70 -15.57 15.52
C8 HOP G . -12.61 -14.72 14.78
C13 HOP G . -14.16 -17.27 17.46
C14 HOP G . -13.76 -18.49 18.11
C15 HOP G . -14.71 -19.29 18.77
C16 HOP G . -16.10 -18.90 18.81
C17 HOP G . -16.47 -17.68 18.17
C18 HOP G . -15.53 -16.86 17.50
O19 HOP G . -11.74 -16.14 18.82
C20 HOP G . -17.08 -19.76 19.54
O21 HOP G . -18.29 -19.57 19.36
N22 HOP G . -16.60 -20.74 20.37
C23 HOP G . -17.37 -21.74 21.17
C24 HOP G . -16.39 -22.82 21.73
C25 HOP G . -14.97 -22.71 21.12
C26 HOP G . -14.01 -23.81 21.53
O27 HOP G . -13.62 -23.96 22.70
O28 HOP G . -13.61 -24.59 20.45
#